data_1G3F
#
_entry.id   1G3F
#
_cell.length_a   1.000
_cell.length_b   1.000
_cell.length_c   1.000
_cell.angle_alpha   90.00
_cell.angle_beta   90.00
_cell.angle_gamma   90.00
#
_symmetry.space_group_name_H-M   'P 1'
#
loop_
_entity.id
_entity.type
_entity.pdbx_description
1 polymer 'INHIBITOR OF APOPTOSIS PROTEIN 3'
2 polymer SMAC
3 non-polymer 'ZINC ION'
#
loop_
_entity_poly.entity_id
_entity_poly.type
_entity_poly.pdbx_seq_one_letter_code
_entity_poly.pdbx_strand_id
1 'polypeptide(L)'
;MSDAVSSDRNFPNSTNLPRNPSMADYEARIFTFGTWIYSVNKEQLARAGFYALGEGDKVKCFHCGGGLTDWKPSEDPWEQ
HAKWYPGCKYLLEQKGQEYINNIHLTHSLEECLVRTT
;
A
2 'polypeptide(L)' AVPIAQKSE B
#
loop_
_chem_comp.id
_chem_comp.type
_chem_comp.name
_chem_comp.formula
ZN non-polymer 'ZINC ION' 'Zn 2'
#
# COMPACT_ATOMS: atom_id res chain seq x y z
N MET A 1 0.57 4.76 -34.35
CA MET A 1 -0.53 4.03 -33.67
C MET A 1 0.03 2.94 -32.75
N SER A 2 1.22 3.17 -32.23
CA SER A 2 1.86 2.20 -31.35
C SER A 2 1.14 2.11 -30.00
N ASP A 3 0.29 1.09 -29.86
CA ASP A 3 -0.48 0.91 -28.63
C ASP A 3 0.05 -0.29 -27.85
N ALA A 4 -0.10 -1.48 -28.44
CA ALA A 4 0.36 -2.71 -27.79
C ALA A 4 -0.55 -3.09 -26.62
N VAL A 5 -0.27 -4.23 -26.01
CA VAL A 5 -1.05 -4.72 -24.89
C VAL A 5 -1.28 -3.61 -23.86
N SER A 6 -0.31 -2.71 -23.75
CA SER A 6 -0.41 -1.60 -22.81
C SER A 6 -1.75 -0.89 -22.94
N SER A 7 -2.29 -0.87 -24.15
CA SER A 7 -3.57 -0.23 -24.41
C SER A 7 -4.09 -0.59 -25.80
N ASP A 8 -4.25 -1.88 -26.05
CA ASP A 8 -4.73 -2.36 -27.33
C ASP A 8 -4.95 -3.86 -27.32
N ARG A 9 -3.85 -4.61 -27.36
CA ARG A 9 -3.91 -6.06 -27.36
C ARG A 9 -4.68 -6.57 -26.14
N ASN A 10 -5.34 -7.72 -26.29
CA ASN A 10 -6.11 -8.32 -25.21
C ASN A 10 -5.20 -8.74 -24.07
N PHE A 11 -5.70 -9.62 -23.20
CA PHE A 11 -4.94 -10.11 -22.04
C PHE A 11 -3.46 -10.33 -22.39
N PRO A 12 -2.56 -9.42 -21.97
CA PRO A 12 -1.12 -9.54 -22.26
C PRO A 12 -0.55 -10.88 -21.79
N ASN A 13 -0.45 -11.05 -20.48
CA ASN A 13 0.10 -12.28 -19.92
C ASN A 13 -0.54 -13.51 -20.56
N SER A 14 -1.80 -13.78 -20.21
CA SER A 14 -2.54 -14.92 -20.77
C SER A 14 -3.79 -15.22 -19.95
N THR A 15 -3.74 -14.93 -18.66
CA THR A 15 -4.89 -15.17 -17.79
C THR A 15 -4.65 -14.66 -16.38
N ASN A 16 -3.40 -14.78 -15.90
CA ASN A 16 -3.03 -14.34 -14.55
C ASN A 16 -3.69 -13.02 -14.18
N LEU A 17 -3.93 -12.85 -12.89
CA LEU A 17 -4.56 -11.66 -12.37
C LEU A 17 -3.54 -10.81 -11.60
N PRO A 18 -3.46 -9.50 -11.89
CA PRO A 18 -2.51 -8.60 -11.24
C PRO A 18 -2.98 -8.16 -9.85
N ARG A 19 -3.24 -9.14 -8.98
CA ARG A 19 -3.68 -8.86 -7.62
C ARG A 19 -4.84 -7.87 -7.59
N ASN A 20 -5.26 -7.52 -6.38
CA ASN A 20 -6.35 -6.58 -6.17
C ASN A 20 -6.76 -6.55 -4.70
N PRO A 21 -6.74 -5.38 -4.05
CA PRO A 21 -7.10 -5.27 -2.62
C PRO A 21 -8.42 -5.96 -2.30
N SER A 22 -9.51 -5.47 -2.91
CA SER A 22 -10.85 -6.01 -2.67
C SER A 22 -10.87 -7.52 -2.48
N MET A 23 -9.99 -8.22 -3.19
CA MET A 23 -9.92 -9.67 -3.08
C MET A 23 -8.84 -10.13 -2.11
N ALA A 24 -7.62 -9.65 -2.31
CA ALA A 24 -6.50 -10.03 -1.44
C ALA A 24 -6.12 -8.92 -0.46
N ASP A 25 -7.09 -8.43 0.30
CA ASP A 25 -6.84 -7.36 1.25
C ASP A 25 -6.59 -7.89 2.68
N TYR A 26 -7.61 -7.86 3.55
CA TYR A 26 -7.47 -8.31 4.93
C TYR A 26 -6.78 -9.66 5.02
N GLU A 27 -7.48 -10.71 4.62
CA GLU A 27 -6.95 -12.07 4.69
C GLU A 27 -5.55 -12.15 4.08
N ALA A 28 -5.46 -11.82 2.79
CA ALA A 28 -4.18 -11.87 2.08
C ALA A 28 -3.05 -11.25 2.89
N ARG A 29 -3.08 -9.92 3.02
CA ARG A 29 -2.05 -9.21 3.77
C ARG A 29 -1.77 -9.88 5.11
N ILE A 30 -2.81 -10.02 5.92
CA ILE A 30 -2.67 -10.64 7.23
C ILE A 30 -1.88 -11.95 7.15
N PHE A 31 -1.93 -12.61 6.01
CA PHE A 31 -1.21 -13.86 5.81
C PHE A 31 0.26 -13.61 5.49
N THR A 32 0.55 -12.53 4.79
CA THR A 32 1.92 -12.19 4.42
C THR A 32 2.75 -11.86 5.66
N PHE A 33 2.25 -10.96 6.49
CA PHE A 33 2.95 -10.56 7.71
C PHE A 33 2.96 -11.69 8.74
N GLY A 34 1.79 -12.01 9.28
CA GLY A 34 1.68 -13.06 10.27
C GLY A 34 0.88 -12.65 11.49
N THR A 35 1.46 -12.86 12.67
CA THR A 35 0.80 -12.50 13.93
C THR A 35 1.09 -11.06 14.31
N TRP A 36 2.38 -10.73 14.38
CA TRP A 36 2.83 -9.39 14.73
C TRP A 36 1.97 -8.31 14.05
N ILE A 37 1.92 -7.13 14.64
CA ILE A 37 1.13 -6.03 14.09
C ILE A 37 1.26 -4.77 14.94
N TYR A 38 1.61 -3.66 14.29
CA TYR A 38 1.77 -2.39 14.99
C TYR A 38 0.41 -1.82 15.43
N SER A 39 0.45 -0.63 16.01
CA SER A 39 -0.75 0.04 16.50
C SER A 39 -1.88 0.02 15.47
N VAL A 40 -1.55 0.15 14.20
CA VAL A 40 -2.56 0.14 13.15
C VAL A 40 -3.06 -1.27 12.88
N ASN A 41 -3.90 -1.43 11.86
CA ASN A 41 -4.45 -2.73 11.52
C ASN A 41 -3.94 -3.23 10.16
N LYS A 42 -3.57 -4.50 10.10
CA LYS A 42 -3.09 -5.09 8.86
C LYS A 42 -4.06 -4.81 7.73
N GLU A 43 -5.35 -5.04 8.02
CA GLU A 43 -6.39 -4.78 7.03
C GLU A 43 -6.18 -3.40 6.40
N GLN A 44 -5.65 -2.48 7.21
CA GLN A 44 -5.37 -1.14 6.73
C GLN A 44 -4.25 -1.21 5.70
N LEU A 45 -3.16 -1.89 6.05
CA LEU A 45 -2.05 -2.04 5.14
C LEU A 45 -2.54 -2.60 3.81
N ALA A 46 -3.56 -3.46 3.89
CA ALA A 46 -4.14 -4.07 2.71
C ALA A 46 -4.91 -3.04 1.88
N ARG A 47 -5.57 -2.12 2.57
CA ARG A 47 -6.35 -1.08 1.90
C ARG A 47 -5.46 -0.25 0.99
N ALA A 48 -4.26 0.08 1.46
CA ALA A 48 -3.31 0.86 0.69
C ALA A 48 -2.68 0.02 -0.42
N GLY A 49 -2.55 -1.27 -0.16
CA GLY A 49 -1.96 -2.17 -1.14
C GLY A 49 -0.54 -2.55 -0.80
N PHE A 50 -0.30 -2.86 0.48
CA PHE A 50 1.02 -3.25 0.94
C PHE A 50 1.10 -4.75 1.17
N TYR A 51 1.93 -5.44 0.39
CA TYR A 51 2.09 -6.88 0.50
C TYR A 51 3.43 -7.23 1.13
N ALA A 52 3.41 -7.83 2.32
CA ALA A 52 4.64 -8.20 3.00
C ALA A 52 5.46 -9.15 2.14
N LEU A 53 6.69 -9.38 2.56
CA LEU A 53 7.58 -10.27 1.83
C LEU A 53 7.74 -11.60 2.56
N GLY A 54 6.63 -12.11 3.11
CA GLY A 54 6.67 -13.36 3.83
C GLY A 54 7.10 -13.18 5.29
N GLU A 55 7.48 -11.96 5.65
CA GLU A 55 7.91 -11.66 7.01
C GLU A 55 7.30 -10.35 7.47
N GLY A 56 6.86 -10.32 8.73
CA GLY A 56 6.25 -9.13 9.27
C GLY A 56 7.18 -7.93 9.23
N ASP A 57 6.56 -6.75 9.18
CA ASP A 57 7.26 -5.48 9.15
C ASP A 57 7.63 -5.06 7.73
N LYS A 58 8.60 -5.74 7.13
CA LYS A 58 9.03 -5.40 5.77
C LYS A 58 7.96 -5.75 4.74
N VAL A 59 7.45 -4.73 4.07
CA VAL A 59 6.42 -4.92 3.06
C VAL A 59 6.58 -3.92 1.90
N LYS A 60 6.38 -4.41 0.69
CA LYS A 60 6.51 -3.58 -0.51
C LYS A 60 5.14 -3.30 -1.12
N CYS A 61 4.93 -2.05 -1.55
CA CYS A 61 3.67 -1.66 -2.16
C CYS A 61 3.61 -2.09 -3.61
N PHE A 62 2.40 -2.26 -4.12
CA PHE A 62 2.22 -2.64 -5.52
C PHE A 62 2.44 -1.41 -6.40
N HIS A 63 3.07 -1.62 -7.56
CA HIS A 63 3.36 -0.53 -8.50
C HIS A 63 4.44 0.42 -7.98
N CYS A 64 4.17 1.09 -6.86
CA CYS A 64 5.17 2.02 -6.30
C CYS A 64 6.31 1.30 -5.58
N GLY A 65 6.23 -0.04 -5.51
CA GLY A 65 7.26 -0.87 -4.89
C GLY A 65 8.01 -0.18 -3.75
N GLY A 66 7.29 0.47 -2.87
CA GLY A 66 7.93 1.13 -1.75
C GLY A 66 8.22 0.16 -0.63
N GLY A 67 9.50 -0.02 -0.32
CA GLY A 67 9.86 -0.93 0.75
C GLY A 67 9.96 -0.23 2.07
N LEU A 68 9.03 -0.54 2.98
CA LEU A 68 9.00 0.10 4.29
C LEU A 68 9.12 -0.94 5.40
N THR A 69 10.07 -0.71 6.29
CA THR A 69 10.30 -1.59 7.42
C THR A 69 10.51 -0.77 8.69
N ASP A 70 10.01 -1.27 9.81
CA ASP A 70 10.14 -0.56 11.08
C ASP A 70 9.26 0.69 11.08
N TRP A 71 7.97 0.48 10.87
CA TRP A 71 7.00 1.58 10.84
C TRP A 71 7.13 2.44 12.10
N LYS A 72 6.27 3.46 12.21
CA LYS A 72 6.27 4.34 13.36
C LYS A 72 5.10 4.02 14.28
N PRO A 73 5.28 4.17 15.61
CA PRO A 73 4.21 3.89 16.58
C PRO A 73 2.93 4.61 16.25
N SER A 74 3.04 5.77 15.60
CA SER A 74 1.87 6.55 15.22
C SER A 74 1.91 6.89 13.73
N GLU A 75 1.32 6.02 12.92
CA GLU A 75 1.29 6.22 11.48
C GLU A 75 0.27 5.29 10.84
N ASP A 76 0.22 5.29 9.52
CA ASP A 76 -0.70 4.44 8.79
C ASP A 76 -0.13 4.06 7.43
N PRO A 77 -0.56 2.91 6.90
CA PRO A 77 -0.10 2.42 5.60
C PRO A 77 -0.06 3.51 4.53
N TRP A 78 -1.18 4.17 4.34
CA TRP A 78 -1.27 5.24 3.34
C TRP A 78 -0.30 6.36 3.65
N GLU A 79 -0.36 6.89 4.86
CA GLU A 79 0.51 7.98 5.27
C GLU A 79 1.98 7.66 5.00
N GLN A 80 2.37 6.41 5.26
CA GLN A 80 3.76 5.99 5.09
C GLN A 80 4.20 5.98 3.61
N HIS A 81 3.71 5.03 2.82
CA HIS A 81 4.11 4.92 1.42
C HIS A 81 3.75 6.16 0.61
N ALA A 82 2.64 6.80 0.94
CA ALA A 82 2.22 8.00 0.24
C ALA A 82 3.22 9.13 0.44
N LYS A 83 3.29 9.64 1.67
CA LYS A 83 4.21 10.72 2.00
C LYS A 83 5.61 10.42 1.46
N TRP A 84 6.13 9.26 1.80
CA TRP A 84 7.46 8.86 1.35
C TRP A 84 7.62 9.08 -0.15
N TYR A 85 6.62 8.65 -0.91
CA TYR A 85 6.65 8.81 -2.36
C TYR A 85 5.26 9.12 -2.90
N PRO A 86 4.90 10.41 -2.95
CA PRO A 86 3.59 10.84 -3.44
C PRO A 86 3.45 10.62 -4.95
N GLY A 87 3.47 9.34 -5.33
CA GLY A 87 3.36 8.99 -6.74
C GLY A 87 3.06 7.51 -6.94
N CYS A 88 2.38 6.91 -5.97
CA CYS A 88 2.02 5.50 -6.05
C CYS A 88 0.78 5.32 -6.90
N LYS A 89 0.98 4.98 -8.18
CA LYS A 89 -0.11 4.79 -9.13
C LYS A 89 -1.23 3.96 -8.51
N TYR A 90 -0.88 2.77 -8.03
CA TYR A 90 -1.85 1.88 -7.43
C TYR A 90 -2.71 2.64 -6.43
N LEU A 91 -2.11 3.65 -5.80
CA LEU A 91 -2.83 4.49 -4.84
C LEU A 91 -3.90 5.30 -5.54
N LEU A 92 -3.50 5.99 -6.61
CA LEU A 92 -4.43 6.81 -7.37
C LEU A 92 -5.69 6.00 -7.71
N GLU A 93 -5.51 4.70 -7.90
CA GLU A 93 -6.63 3.82 -8.22
C GLU A 93 -7.46 3.54 -6.98
N GLN A 94 -6.79 3.43 -5.84
CA GLN A 94 -7.46 3.15 -4.57
C GLN A 94 -8.43 4.27 -4.20
N LYS A 95 -7.91 5.48 -3.95
CA LYS A 95 -8.75 6.62 -3.59
C LYS A 95 -8.29 7.91 -4.28
N GLY A 96 -7.62 7.76 -5.41
CA GLY A 96 -7.16 8.93 -6.17
C GLY A 96 -6.50 10.00 -5.34
N GLN A 97 -6.20 11.12 -6.00
CA GLN A 97 -5.55 12.26 -5.37
C GLN A 97 -6.33 12.73 -4.15
N GLU A 98 -7.63 12.49 -4.14
CA GLU A 98 -8.47 12.89 -3.02
C GLU A 98 -7.84 12.49 -1.69
N TYR A 99 -7.54 11.20 -1.55
CA TYR A 99 -6.92 10.69 -0.35
C TYR A 99 -5.48 11.16 -0.26
N ILE A 100 -4.79 11.16 -1.40
CA ILE A 100 -3.40 11.61 -1.44
C ILE A 100 -3.23 12.93 -0.72
N ASN A 101 -4.22 13.81 -0.89
CA ASN A 101 -4.20 15.12 -0.25
C ASN A 101 -4.56 14.97 1.22
N ASN A 102 -5.46 14.03 1.51
CA ASN A 102 -5.89 13.77 2.88
C ASN A 102 -4.68 13.68 3.81
N ILE A 103 -3.63 13.04 3.31
CA ILE A 103 -2.40 12.88 4.09
C ILE A 103 -1.50 14.10 3.98
N HIS A 104 -1.08 14.41 2.75
CA HIS A 104 -0.21 15.56 2.50
C HIS A 104 -0.96 16.87 2.70
N LEU A 105 -1.38 17.13 3.94
CA LEU A 105 -2.11 18.35 4.26
C LEU A 105 -2.71 18.26 5.66
N THR A 106 -3.25 17.09 6.00
CA THR A 106 -3.86 16.86 7.30
C THR A 106 -3.60 15.44 7.78
N HIS A 107 -4.33 15.03 8.82
CA HIS A 107 -4.17 13.70 9.38
C HIS A 107 -5.12 12.71 8.69
N SER A 108 -4.55 11.69 8.08
CA SER A 108 -5.34 10.68 7.38
C SER A 108 -5.43 9.39 8.19
N LEU A 109 -6.38 8.53 7.85
CA LEU A 109 -6.58 7.28 8.55
C LEU A 109 -6.91 7.52 10.02
N GLU A 110 -7.04 6.44 10.79
CA GLU A 110 -7.36 6.54 12.21
C GLU A 110 -8.76 7.10 12.40
N GLU A 111 -9.72 6.22 12.65
CA GLU A 111 -11.11 6.61 12.85
C GLU A 111 -11.59 6.19 14.25
N CYS A 112 -12.85 5.74 14.37
CA CYS A 112 -13.42 5.32 15.65
C CYS A 112 -13.96 6.50 16.46
N LEU A 113 -13.80 7.73 15.95
CA LEU A 113 -14.30 8.91 16.65
C LEU A 113 -15.45 9.57 15.89
N VAL A 114 -15.53 9.30 14.59
CA VAL A 114 -16.60 9.86 13.76
C VAL A 114 -16.43 11.37 13.57
N ARG A 115 -16.56 12.12 14.65
CA ARG A 115 -16.43 13.58 14.59
C ARG A 115 -15.19 14.08 15.35
N THR A 116 -14.42 13.15 15.92
CA THR A 116 -13.21 13.53 16.66
C THR A 116 -13.55 14.33 17.91
N THR A 117 -14.65 13.96 18.56
CA THR A 117 -15.08 14.65 19.78
C THR A 117 -15.06 16.16 19.60
N ALA B 1 8.15 4.76 9.38
CA ALA B 1 8.82 3.63 8.69
C ALA B 1 10.12 4.05 8.04
N VAL B 2 11.16 3.24 8.20
CA VAL B 2 12.46 3.53 7.63
C VAL B 2 12.59 2.96 6.22
N PRO B 3 13.37 3.63 5.35
CA PRO B 3 13.57 3.18 3.97
C PRO B 3 14.46 1.95 3.87
N ILE B 4 13.91 0.87 3.34
CA ILE B 4 14.66 -0.37 3.20
C ILE B 4 16.03 -0.12 2.58
N ALA B 5 16.07 0.03 1.25
CA ALA B 5 17.32 0.28 0.54
C ALA B 5 18.32 -0.85 0.75
N GLN B 6 19.04 -0.81 1.87
CA GLN B 6 20.04 -1.82 2.18
C GLN B 6 21.15 -1.85 1.13
N LYS B 7 20.90 -2.54 0.02
CA LYS B 7 21.86 -2.66 -1.08
C LYS B 7 23.30 -2.85 -0.57
N SER B 8 24.03 -1.75 -0.37
CA SER B 8 25.40 -1.83 0.11
C SER B 8 25.83 -0.51 0.75
N GLU B 9 25.73 -0.45 2.08
CA GLU B 9 26.11 0.75 2.83
C GLU B 9 26.79 0.38 4.14
ZN ZN C . 2.33 2.48 -3.06
#